data_4XF7
#
_entry.id   4XF7
#
_cell.length_a   77.134
_cell.length_b   81.176
_cell.length_c   81.109
_cell.angle_alpha   90.000
_cell.angle_beta   90.000
_cell.angle_gamma   90.000
#
_symmetry.space_group_name_H-M   'P 21 21 21'
#
loop_
_entity.id
_entity.type
_entity.pdbx_description
1 polymer 'Carbohydrate/pyrimidine kinase, PfkB family'
2 non-polymer 1,2,3,4,5,6-HEXAHYDROXY-CYCLOHEXANE
3 non-polymer 'PHOSPHOMETHYLPHOSPHONIC ACID ADENYLATE ESTER'
4 non-polymer 'MAGNESIUM ION'
5 non-polymer 'IODIDE ION'
6 water water
#
_entity_poly.entity_id   1
_entity_poly.type   'polypeptide(L)'
_entity_poly.pdbx_seq_one_letter_code
;MKCLVVGHVVRDIVKKGNKVLERLGGGAYYSALALSRFCDVEILTSFSNLPEEWIKELESMAKLQVVPSETTTTYELTYL
DGNRRRLKLLERASPIEELPDGEYDVLLMNPVAREVPPALVTSALKKFPFVAVDIQGFIRSSSPGEIQYQPIDGSFLKGV
KILHADLGEYQYLQGFSPEFVDVLLLSNGPEPGKAFLHGREYTFEPVHVGVDESTGAGDVFLGAFTGFYSQCPFVQALKR
AAAFTALFLKNRSVDFSMDDVNELAMKVEVKRV
;
_entity_poly.pdbx_strand_id   A,B
#
# COMPACT_ATOMS: atom_id res chain seq x y z
N MET A 1 7.18 -27.63 -21.55
CA MET A 1 5.83 -26.99 -21.48
C MET A 1 6.00 -25.55 -21.00
N LYS A 2 5.33 -24.63 -21.68
CA LYS A 2 5.51 -23.19 -21.45
C LYS A 2 4.17 -22.47 -21.32
N CYS A 3 3.98 -21.78 -20.19
N CYS A 3 3.94 -21.81 -20.18
N CYS A 3 3.98 -21.78 -20.19
CA CYS A 3 2.69 -21.17 -19.83
CA CYS A 3 2.65 -21.17 -19.90
CA CYS A 3 2.70 -21.16 -19.84
C CYS A 3 2.76 -19.66 -19.57
C CYS A 3 2.75 -19.68 -19.59
C CYS A 3 2.78 -19.66 -19.60
N LEU A 4 1.73 -18.94 -20.02
CA LEU A 4 1.62 -17.53 -19.76
C LEU A 4 0.43 -17.33 -18.83
N VAL A 5 0.71 -16.74 -17.67
CA VAL A 5 -0.36 -16.40 -16.75
C VAL A 5 -0.56 -14.88 -16.79
N VAL A 6 -1.80 -14.45 -16.96
CA VAL A 6 -2.14 -13.05 -17.15
C VAL A 6 -3.04 -12.50 -16.02
N GLY A 7 -2.59 -11.39 -15.42
CA GLY A 7 -3.31 -10.74 -14.33
C GLY A 7 -2.40 -9.87 -13.49
N HIS A 8 -2.98 -8.96 -12.72
CA HIS A 8 -2.22 -8.13 -11.78
C HIS A 8 -1.72 -8.95 -10.61
N VAL A 9 -0.47 -8.73 -10.22
CA VAL A 9 0.02 -9.14 -8.91
C VAL A 9 -0.45 -8.04 -7.94
N VAL A 10 -0.63 -8.40 -6.67
CA VAL A 10 -1.38 -7.55 -5.75
C VAL A 10 -0.57 -7.37 -4.44
N ARG A 11 -0.62 -6.15 -3.91
CA ARG A 11 -0.19 -5.89 -2.54
C ARG A 11 -1.43 -6.11 -1.69
N ASP A 12 -1.41 -7.23 -0.98
CA ASP A 12 -2.46 -7.58 -0.04
C ASP A 12 -2.14 -6.99 1.31
N ILE A 13 -3.06 -6.20 1.85
CA ILE A 13 -3.04 -5.81 3.24
C ILE A 13 -4.05 -6.69 3.96
N VAL A 14 -3.54 -7.64 4.72
CA VAL A 14 -4.35 -8.73 5.22
C VAL A 14 -4.65 -8.48 6.69
N LYS A 15 -5.93 -8.34 7.04
CA LYS A 15 -6.33 -8.15 8.46
C LYS A 15 -7.12 -9.34 9.04
N LYS A 16 -6.66 -9.85 10.18
CA LYS A 16 -7.17 -11.11 10.75
C LYS A 16 -7.24 -10.79 12.21
N GLY A 17 -8.43 -10.71 12.78
CA GLY A 17 -8.58 -10.17 14.12
C GLY A 17 -7.79 -8.88 14.29
N ASN A 18 -6.96 -8.82 15.32
CA ASN A 18 -6.14 -7.62 15.57
C ASN A 18 -4.79 -7.62 14.84
N LYS A 19 -4.55 -8.60 13.98
CA LYS A 19 -3.26 -8.72 13.30
C LYS A 19 -3.32 -8.09 11.91
N VAL A 20 -2.20 -7.51 11.47
CA VAL A 20 -2.13 -6.91 10.12
C VAL A 20 -0.79 -7.30 9.53
N LEU A 21 -0.82 -7.77 8.29
CA LEU A 21 0.39 -8.04 7.56
C LEU A 21 0.21 -7.64 6.12
N GLU A 22 1.31 -7.49 5.40
CA GLU A 22 1.24 -7.26 3.94
C GLU A 22 1.80 -8.47 3.25
N ARG A 23 1.25 -8.86 2.12
CA ARG A 23 1.90 -9.94 1.39
C ARG A 23 1.58 -9.88 -0.08
N LEU A 24 2.50 -10.42 -0.86
CA LEU A 24 2.24 -10.63 -2.29
C LEU A 24 0.99 -11.43 -2.48
N GLY A 25 0.17 -11.02 -3.45
CA GLY A 25 -1.04 -11.74 -3.77
C GLY A 25 -1.37 -11.61 -5.27
N GLY A 26 -2.60 -11.90 -5.59
CA GLY A 26 -3.11 -11.87 -6.94
C GLY A 26 -3.31 -13.25 -7.57
N GLY A 27 -4.38 -13.36 -8.34
CA GLY A 27 -4.65 -14.56 -9.14
C GLY A 27 -3.44 -14.98 -9.93
N ALA A 28 -2.78 -14.05 -10.59
CA ALA A 28 -1.65 -14.40 -11.46
C ALA A 28 -0.47 -14.96 -10.65
N TYR A 29 -0.16 -14.35 -9.49
CA TYR A 29 0.83 -14.92 -8.61
C TYR A 29 0.50 -16.37 -8.19
N TYR A 30 -0.67 -16.58 -7.61
CA TYR A 30 -0.98 -17.87 -7.01
C TYR A 30 -1.14 -18.99 -8.07
N SER A 31 -1.76 -18.66 -9.19
CA SER A 31 -1.89 -19.62 -10.29
C SER A 31 -0.50 -19.95 -10.87
N ALA A 32 0.35 -18.95 -11.06
CA ALA A 32 1.74 -19.21 -11.50
C ALA A 32 2.47 -20.08 -10.50
N LEU A 33 2.23 -19.81 -9.23
CA LEU A 33 2.95 -20.54 -8.15
C LEU A 33 2.66 -22.00 -8.28
N ALA A 34 1.40 -22.32 -8.56
CA ALA A 34 1.00 -23.69 -8.70
C ALA A 34 1.59 -24.25 -9.96
N LEU A 35 1.42 -23.54 -11.07
CA LEU A 35 1.90 -24.06 -12.39
C LEU A 35 3.44 -24.17 -12.49
N SER A 36 4.17 -23.35 -11.73
CA SER A 36 5.65 -23.46 -11.62
C SER A 36 6.09 -24.88 -11.29
N ARG A 37 5.27 -25.61 -10.57
CA ARG A 37 5.58 -27.00 -10.26
C ARG A 37 5.41 -27.93 -11.46
N PHE A 38 4.87 -27.44 -12.58
CA PHE A 38 4.66 -28.31 -13.76
C PHE A 38 5.42 -27.89 -15.01
N CYS A 39 5.63 -26.60 -15.20
CA CYS A 39 6.25 -26.13 -16.41
C CYS A 39 6.93 -24.78 -16.19
N ASP A 40 7.58 -24.27 -17.24
CA ASP A 40 8.09 -22.91 -17.27
C ASP A 40 6.94 -21.93 -17.40
N VAL A 41 6.95 -20.95 -16.50
CA VAL A 41 5.90 -19.95 -16.41
C VAL A 41 6.43 -18.55 -16.74
N GLU A 42 5.64 -17.78 -17.47
CA GLU A 42 5.86 -16.36 -17.62
C GLU A 42 4.57 -15.67 -17.17
N ILE A 43 4.72 -14.53 -16.51
CA ILE A 43 3.58 -13.80 -16.00
C ILE A 43 3.51 -12.46 -16.71
N LEU A 44 2.36 -12.17 -17.31
CA LEU A 44 2.07 -10.87 -17.89
C LEU A 44 1.20 -10.10 -16.90
N THR A 45 1.73 -8.98 -16.40
CA THR A 45 1.11 -8.32 -15.22
C THR A 45 1.33 -6.83 -15.35
N SER A 46 0.94 -6.10 -14.31
CA SER A 46 1.30 -4.71 -14.17
C SER A 46 1.41 -4.39 -12.69
N PHE A 47 2.39 -3.56 -12.36
CA PHE A 47 2.55 -3.01 -11.03
C PHE A 47 3.57 -1.88 -11.12
N SER A 48 3.62 -1.03 -10.11
CA SER A 48 4.55 0.06 -10.07
C SER A 48 5.61 -0.24 -9.04
N ASN A 49 5.26 -0.10 -7.77
CA ASN A 49 6.21 -0.39 -6.72
C ASN A 49 5.92 -1.80 -6.24
N LEU A 50 6.94 -2.63 -6.03
CA LEU A 50 6.80 -3.79 -5.13
C LEU A 50 8.06 -3.89 -4.27
N PRO A 51 7.97 -4.57 -3.12
CA PRO A 51 9.17 -4.78 -2.29
C PRO A 51 10.19 -5.62 -3.07
N GLU A 52 11.47 -5.28 -2.95
CA GLU A 52 12.55 -6.01 -3.65
C GLU A 52 12.44 -7.54 -3.43
N GLU A 53 12.18 -7.94 -2.19
CA GLU A 53 12.03 -9.37 -1.83
C GLU A 53 10.84 -10.02 -2.56
N TRP A 54 9.76 -9.27 -2.76
CA TRP A 54 8.60 -9.80 -3.51
C TRP A 54 8.95 -9.93 -5.00
N ILE A 55 9.67 -8.96 -5.56
CA ILE A 55 10.10 -9.07 -6.98
C ILE A 55 11.00 -10.32 -7.14
N LYS A 56 11.83 -10.56 -6.14
CA LYS A 56 12.70 -11.75 -6.08
C LYS A 56 11.91 -13.05 -6.00
N GLU A 57 10.86 -13.11 -5.19
CA GLU A 57 10.04 -14.32 -5.17
C GLU A 57 9.37 -14.59 -6.53
N LEU A 58 8.86 -13.54 -7.16
CA LEU A 58 8.14 -13.67 -8.42
C LEU A 58 9.11 -14.15 -9.52
N GLU A 59 10.31 -13.55 -9.53
CA GLU A 59 11.31 -13.86 -10.52
C GLU A 59 11.98 -15.19 -10.32
N SER A 60 11.92 -15.73 -9.10
CA SER A 60 12.48 -17.07 -8.85
C SER A 60 11.56 -18.18 -9.41
N MET A 61 10.29 -17.85 -9.62
CA MET A 61 9.29 -18.81 -10.13
C MET A 61 8.84 -18.58 -11.59
N ALA A 62 9.10 -17.41 -12.15
CA ALA A 62 8.60 -17.08 -13.48
C ALA A 62 9.36 -15.90 -14.09
N LYS A 63 9.24 -15.76 -15.41
CA LYS A 63 9.71 -14.55 -16.09
C LYS A 63 8.57 -13.53 -16.03
N LEU A 64 8.89 -12.29 -15.64
CA LEU A 64 7.92 -11.19 -15.56
C LEU A 64 7.91 -10.31 -16.82
N GLN A 65 6.70 -10.06 -17.29
CA GLN A 65 6.44 -9.10 -18.36
C GLN A 65 5.49 -8.09 -17.74
N VAL A 66 5.98 -6.88 -17.48
CA VAL A 66 5.24 -5.93 -16.68
C VAL A 66 4.81 -4.75 -17.51
N VAL A 67 3.51 -4.58 -17.68
CA VAL A 67 2.97 -3.34 -18.29
C VAL A 67 3.29 -2.20 -17.33
N PRO A 68 3.98 -1.15 -17.82
CA PRO A 68 4.32 -0.05 -16.92
C PRO A 68 3.11 0.55 -16.26
N SER A 69 3.27 1.07 -15.06
CA SER A 69 2.15 1.60 -14.31
C SER A 69 2.70 2.60 -13.35
N GLU A 70 1.85 3.49 -12.87
CA GLU A 70 2.24 4.40 -11.78
C GLU A 70 1.76 3.84 -10.46
N THR A 71 0.90 2.84 -10.54
CA THR A 71 0.19 2.35 -9.37
C THR A 71 0.35 0.82 -9.28
N THR A 72 0.15 0.30 -8.08
CA THR A 72 0.18 -1.13 -7.77
C THR A 72 -1.22 -1.52 -7.25
N THR A 73 -1.83 -2.54 -7.84
CA THR A 73 -3.13 -3.00 -7.34
C THR A 73 -3.00 -3.44 -5.89
N THR A 74 -3.87 -2.89 -5.03
CA THR A 74 -3.76 -3.07 -3.63
C THR A 74 -5.15 -3.32 -3.10
N TYR A 75 -5.23 -4.38 -2.32
CA TYR A 75 -6.46 -4.89 -1.78
C TYR A 75 -6.28 -5.03 -0.29
N GLU A 76 -7.25 -4.52 0.44
CA GLU A 76 -7.38 -4.84 1.83
C GLU A 76 -8.30 -6.05 1.95
N LEU A 77 -7.83 -7.09 2.64
CA LEU A 77 -8.57 -8.33 2.83
C LEU A 77 -8.81 -8.50 4.34
N THR A 78 -10.04 -8.29 4.79
CA THR A 78 -10.40 -8.39 6.23
C THR A 78 -11.15 -9.68 6.41
N TYR A 79 -10.45 -10.69 6.96
CA TYR A 79 -11.00 -12.04 7.14
C TYR A 79 -11.78 -12.11 8.45
N LEU A 80 -13.12 -12.10 8.38
CA LEU A 80 -13.94 -12.31 9.57
C LEU A 80 -13.78 -13.76 10.07
N ASP A 81 -14.01 -14.75 9.22
CA ASP A 81 -13.62 -16.14 9.53
C ASP A 81 -12.64 -16.62 8.44
N GLY A 82 -12.26 -17.91 8.45
CA GLY A 82 -11.15 -18.39 7.62
C GLY A 82 -11.33 -18.29 6.12
N ASN A 83 -12.56 -18.44 5.63
CA ASN A 83 -12.84 -18.27 4.20
C ASN A 83 -13.61 -16.99 3.87
N ARG A 84 -14.18 -16.35 4.88
CA ARG A 84 -15.02 -15.21 4.64
C ARG A 84 -14.20 -13.96 4.88
N ARG A 85 -14.08 -13.16 3.82
CA ARG A 85 -13.25 -11.98 3.80
C ARG A 85 -14.01 -10.84 3.13
N ARG A 86 -13.81 -9.64 3.62
CA ARG A 86 -14.24 -8.45 2.90
C ARG A 86 -13.04 -8.01 2.08
N LEU A 87 -13.28 -7.75 0.82
CA LEU A 87 -12.23 -7.33 -0.10
C LEU A 87 -12.48 -5.87 -0.48
N LYS A 88 -11.50 -5.00 -0.27
CA LYS A 88 -11.63 -3.61 -0.67
C LYS A 88 -10.47 -3.22 -1.61
N LEU A 89 -10.80 -2.72 -2.80
CA LEU A 89 -9.80 -2.26 -3.78
C LEU A 89 -9.35 -0.84 -3.42
N LEU A 90 -8.07 -0.68 -3.08
CA LEU A 90 -7.52 0.63 -2.68
C LEU A 90 -6.78 1.38 -3.77
N GLU A 91 -6.32 0.67 -4.77
CA GLU A 91 -5.46 1.22 -5.82
C GLU A 91 -5.42 0.16 -6.92
N ARG A 92 -5.23 0.58 -8.17
CA ARG A 92 -5.24 -0.36 -9.30
C ARG A 92 -4.17 0.00 -10.33
N ALA A 93 -3.44 -1.02 -10.77
CA ALA A 93 -2.39 -0.90 -11.78
C ALA A 93 -3.01 -0.77 -13.17
N SER A 94 -2.18 -0.76 -14.21
CA SER A 94 -2.64 -0.50 -15.58
C SER A 94 -3.39 -1.65 -16.20
N PRO A 95 -4.30 -1.33 -17.14
CA PRO A 95 -4.96 -2.32 -17.99
C PRO A 95 -3.96 -3.18 -18.74
N ILE A 96 -4.30 -4.44 -18.96
CA ILE A 96 -3.47 -5.32 -19.78
C ILE A 96 -4.22 -5.48 -21.10
N GLU A 97 -3.72 -4.81 -22.13
CA GLU A 97 -4.46 -4.71 -23.38
C GLU A 97 -3.82 -5.48 -24.53
N GLU A 98 -2.58 -5.93 -24.34
CA GLU A 98 -1.80 -6.56 -25.42
C GLU A 98 -1.23 -7.88 -24.90
N LEU A 99 -1.30 -8.94 -25.70
CA LEU A 99 -0.66 -10.21 -25.40
C LEU A 99 0.66 -10.28 -26.15
N PRO A 100 1.62 -11.11 -25.69
CA PRO A 100 2.90 -11.27 -26.40
C PRO A 100 2.80 -12.38 -27.41
N ASP A 101 3.69 -12.41 -28.39
CA ASP A 101 3.72 -13.58 -29.26
C ASP A 101 4.66 -14.56 -28.62
N GLY A 102 4.40 -15.86 -28.81
CA GLY A 102 5.32 -16.87 -28.33
C GLY A 102 4.74 -18.27 -28.28
N GLU A 103 5.66 -19.24 -28.14
CA GLU A 103 5.33 -20.66 -28.02
C GLU A 103 4.64 -21.03 -26.69
N TYR A 104 3.49 -20.42 -26.43
CA TYR A 104 2.80 -20.71 -25.21
C TYR A 104 1.86 -21.88 -25.41
N ASP A 105 2.16 -22.98 -24.73
CA ASP A 105 1.28 -24.15 -24.67
C ASP A 105 -0.01 -23.84 -23.94
N VAL A 106 0.06 -23.05 -22.87
CA VAL A 106 -1.10 -22.71 -22.06
C VAL A 106 -1.13 -21.21 -21.77
N LEU A 107 -2.30 -20.60 -21.91
CA LEU A 107 -2.50 -19.25 -21.40
C LEU A 107 -3.54 -19.33 -20.28
N LEU A 108 -3.22 -18.78 -19.11
CA LEU A 108 -4.17 -18.78 -18.02
C LEU A 108 -4.47 -17.32 -17.62
N MET A 109 -5.71 -16.90 -17.83
CA MET A 109 -6.16 -15.54 -17.58
C MET A 109 -6.74 -15.50 -16.16
N ASN A 110 -6.07 -14.81 -15.25
CA ASN A 110 -6.61 -14.66 -13.92
C ASN A 110 -6.48 -13.26 -13.41
N PRO A 111 -7.30 -12.34 -13.94
CA PRO A 111 -7.28 -11.00 -13.44
C PRO A 111 -7.93 -10.91 -12.04
N VAL A 112 -7.75 -9.79 -11.39
CA VAL A 112 -8.47 -9.56 -10.12
C VAL A 112 -9.36 -8.34 -10.05
N ALA A 113 -9.28 -7.45 -11.04
CA ALA A 113 -9.99 -6.17 -10.95
C ALA A 113 -10.18 -5.50 -12.32
N ARG A 114 -10.68 -6.28 -13.26
CA ARG A 114 -11.10 -5.80 -14.59
C ARG A 114 -9.98 -5.28 -15.44
N GLU A 115 -8.76 -5.73 -15.20
CA GLU A 115 -7.62 -5.24 -15.95
C GLU A 115 -7.49 -5.96 -17.30
N VAL A 116 -8.11 -7.13 -17.42
CA VAL A 116 -8.16 -7.86 -18.67
C VAL A 116 -9.58 -7.74 -19.26
N PRO A 117 -9.71 -7.04 -20.38
CA PRO A 117 -11.04 -7.01 -21.01
C PRO A 117 -11.48 -8.38 -21.56
N PRO A 118 -12.80 -8.61 -21.62
CA PRO A 118 -13.25 -9.84 -22.28
C PRO A 118 -12.77 -9.95 -23.73
N ALA A 119 -12.58 -8.80 -24.41
CA ALA A 119 -11.95 -8.78 -25.73
C ALA A 119 -10.57 -9.44 -25.78
N LEU A 120 -9.78 -9.30 -24.70
CA LEU A 120 -8.45 -9.91 -24.65
C LEU A 120 -8.53 -11.43 -24.56
N VAL A 121 -9.57 -11.96 -23.92
CA VAL A 121 -9.80 -13.40 -23.88
C VAL A 121 -10.14 -13.87 -25.28
N THR A 122 -10.92 -13.05 -25.98
CA THR A 122 -11.30 -13.37 -27.34
C THR A 122 -10.04 -13.42 -28.23
N SER A 123 -9.16 -12.42 -28.06
CA SER A 123 -7.87 -12.37 -28.77
C SER A 123 -6.98 -13.57 -28.42
N ALA A 124 -6.93 -13.93 -27.14
CA ALA A 124 -6.18 -15.11 -26.69
C ALA A 124 -6.67 -16.41 -27.32
N LEU A 125 -7.98 -16.58 -27.41
CA LEU A 125 -8.55 -17.79 -28.00
C LEU A 125 -8.19 -17.95 -29.47
N LYS A 126 -7.92 -16.84 -30.15
CA LYS A 126 -7.46 -16.85 -31.54
C LYS A 126 -5.95 -17.07 -31.67
N LYS A 127 -5.17 -16.48 -30.75
CA LYS A 127 -3.71 -16.46 -30.88
C LYS A 127 -3.09 -17.68 -30.29
N PHE A 128 -3.79 -18.34 -29.36
CA PHE A 128 -3.23 -19.44 -28.57
C PHE A 128 -4.16 -20.66 -28.58
N PRO A 129 -3.61 -21.86 -28.36
CA PRO A 129 -4.38 -23.11 -28.51
C PRO A 129 -5.04 -23.67 -27.23
N PHE A 130 -4.70 -23.15 -26.06
CA PHE A 130 -5.25 -23.67 -24.81
C PHE A 130 -5.38 -22.45 -23.89
N VAL A 131 -6.63 -22.11 -23.52
CA VAL A 131 -6.91 -20.96 -22.66
C VAL A 131 -7.59 -21.51 -21.35
N ALA A 132 -7.08 -21.09 -20.20
CA ALA A 132 -7.75 -21.33 -18.90
C ALA A 132 -8.10 -19.97 -18.30
N VAL A 133 -9.21 -19.91 -17.55
CA VAL A 133 -9.73 -18.65 -17.02
C VAL A 133 -10.25 -18.83 -15.60
N ASP A 134 -9.97 -17.85 -14.74
CA ASP A 134 -10.73 -17.67 -13.51
C ASP A 134 -11.65 -16.49 -13.73
N ILE A 135 -12.91 -16.63 -13.34
CA ILE A 135 -13.90 -15.59 -13.68
C ILE A 135 -13.83 -14.36 -12.73
N GLN A 136 -13.14 -14.49 -11.59
CA GLN A 136 -13.29 -13.52 -10.48
C GLN A 136 -13.01 -12.07 -10.89
N GLY A 137 -11.94 -11.84 -11.63
CA GLY A 137 -11.57 -10.49 -12.06
C GLY A 137 -12.34 -9.94 -13.26
N PHE A 138 -13.25 -10.74 -13.81
CA PHE A 138 -14.16 -10.30 -14.88
C PHE A 138 -15.50 -9.78 -14.38
N ILE A 139 -15.91 -10.24 -13.21
CA ILE A 139 -17.21 -9.85 -12.65
C ILE A 139 -17.13 -8.81 -11.52
N ARG A 140 -15.95 -8.46 -11.01
CA ARG A 140 -15.83 -7.36 -10.03
C ARG A 140 -15.82 -6.00 -10.70
N SER A 141 -16.50 -5.01 -10.12
CA SER A 141 -16.35 -3.62 -10.59
C SER A 141 -14.86 -3.25 -10.42
N SER A 142 -14.38 -2.31 -11.22
CA SER A 142 -13.00 -1.83 -11.13
C SER A 142 -12.96 -0.57 -10.27
N SER A 143 -14.15 -0.08 -9.91
CA SER A 143 -14.31 1.15 -9.13
C SER A 143 -13.67 0.97 -7.77
N PRO A 144 -13.20 2.08 -7.18
CA PRO A 144 -12.54 2.04 -5.87
C PRO A 144 -13.45 1.57 -4.75
N GLY A 145 -12.87 0.93 -3.73
CA GLY A 145 -13.61 0.56 -2.54
C GLY A 145 -14.13 -0.87 -2.50
N GLU A 146 -15.19 -1.09 -1.73
CA GLU A 146 -15.72 -2.42 -1.45
C GLU A 146 -16.16 -3.07 -2.77
N ILE A 147 -15.79 -4.34 -2.97
CA ILE A 147 -16.06 -4.96 -4.27
C ILE A 147 -17.56 -5.12 -4.47
N GLN A 148 -17.97 -4.84 -5.70
CA GLN A 148 -19.35 -5.04 -6.12
C GLN A 148 -19.27 -5.95 -7.35
N TYR A 149 -20.21 -6.88 -7.45
CA TYR A 149 -20.26 -7.77 -8.59
C TYR A 149 -21.17 -7.19 -9.65
N GLN A 150 -20.73 -7.29 -10.90
CA GLN A 150 -21.54 -6.86 -12.06
C GLN A 150 -21.68 -8.06 -13.02
N PRO A 151 -22.92 -8.46 -13.35
CA PRO A 151 -23.06 -9.66 -14.19
C PRO A 151 -22.41 -9.45 -15.55
N ILE A 152 -21.91 -10.52 -16.16
CA ILE A 152 -21.43 -10.44 -17.53
C ILE A 152 -21.97 -11.58 -18.40
N ASP A 153 -22.10 -11.30 -19.67
CA ASP A 153 -22.46 -12.31 -20.64
C ASP A 153 -21.33 -13.31 -20.79
N GLY A 154 -21.65 -14.60 -20.77
CA GLY A 154 -20.62 -15.67 -20.80
C GLY A 154 -20.34 -16.33 -22.14
N SER A 155 -20.91 -15.83 -23.25
CA SER A 155 -20.64 -16.47 -24.54
C SER A 155 -19.17 -16.29 -24.99
N PHE A 156 -18.48 -15.26 -24.50
CA PHE A 156 -17.06 -15.06 -24.85
C PHE A 156 -16.15 -16.16 -24.31
N LEU A 157 -16.66 -16.96 -23.37
CA LEU A 157 -15.90 -18.06 -22.77
C LEU A 157 -15.95 -19.38 -23.57
N LYS A 158 -16.83 -19.43 -24.58
CA LYS A 158 -16.89 -20.60 -25.46
C LYS A 158 -15.53 -20.82 -26.10
N GLY A 159 -15.00 -22.01 -25.92
CA GLY A 159 -13.67 -22.33 -26.42
C GLY A 159 -12.66 -22.46 -25.31
N VAL A 160 -12.94 -21.88 -24.13
CA VAL A 160 -12.04 -21.99 -22.97
C VAL A 160 -11.97 -23.44 -22.55
N LYS A 161 -10.76 -23.91 -22.21
CA LYS A 161 -10.57 -25.31 -21.81
C LYS A 161 -10.97 -25.59 -20.37
N ILE A 162 -10.55 -24.72 -19.46
CA ILE A 162 -10.83 -24.86 -18.05
C ILE A 162 -11.26 -23.50 -17.47
N LEU A 163 -12.40 -23.46 -16.77
CA LEU A 163 -12.92 -22.26 -16.12
C LEU A 163 -13.13 -22.53 -14.64
N HIS A 164 -12.65 -21.65 -13.78
CA HIS A 164 -12.96 -21.73 -12.34
C HIS A 164 -13.74 -20.54 -11.87
N ALA A 165 -14.78 -20.82 -11.10
CA ALA A 165 -15.53 -19.82 -10.39
C ALA A 165 -15.93 -20.44 -9.05
N ASP A 166 -16.15 -19.63 -8.01
CA ASP A 166 -16.80 -20.21 -6.83
C ASP A 166 -18.31 -20.08 -6.97
N LEU A 167 -19.03 -20.72 -6.05
CA LEU A 167 -20.50 -20.73 -6.05
C LEU A 167 -21.08 -19.32 -6.21
N GLY A 168 -20.75 -18.43 -5.29
CA GLY A 168 -21.23 -17.05 -5.33
C GLY A 168 -20.93 -16.30 -6.63
N GLU A 169 -19.75 -16.50 -7.19
CA GLU A 169 -19.34 -15.81 -8.42
C GLU A 169 -20.10 -16.29 -9.64
N TYR A 170 -20.39 -17.59 -9.68
CA TYR A 170 -20.98 -18.24 -10.84
C TYR A 170 -22.35 -17.65 -11.16
N GLN A 171 -23.11 -17.30 -10.13
CA GLN A 171 -24.40 -16.62 -10.31
C GLN A 171 -24.32 -15.35 -11.15
N TYR A 172 -23.13 -14.75 -11.31
CA TYR A 172 -22.99 -13.50 -12.05
C TYR A 172 -22.61 -13.74 -13.51
N LEU A 173 -22.53 -15.01 -13.88
CA LEU A 173 -22.17 -15.41 -15.20
C LEU A 173 -23.46 -15.82 -15.90
N GLN A 174 -23.92 -14.99 -16.84
CA GLN A 174 -25.20 -15.16 -17.54
C GLN A 174 -25.02 -15.47 -19.02
N GLY A 175 -26.02 -16.14 -19.60
CA GLY A 175 -25.93 -16.69 -20.94
C GLY A 175 -24.91 -17.82 -21.00
N PHE A 176 -24.81 -18.60 -19.93
CA PHE A 176 -23.74 -19.61 -19.79
C PHE A 176 -24.30 -20.97 -19.41
N SER A 177 -23.76 -22.04 -19.99
CA SER A 177 -23.97 -23.38 -19.46
C SER A 177 -22.63 -24.13 -19.49
N PRO A 178 -22.52 -25.16 -18.62
CA PRO A 178 -21.19 -25.73 -18.43
C PRO A 178 -20.46 -26.24 -19.68
N GLU A 179 -21.20 -26.73 -20.66
CA GLU A 179 -20.59 -27.31 -21.84
C GLU A 179 -19.92 -26.26 -22.74
N PHE A 180 -20.03 -24.97 -22.42
CA PHE A 180 -19.29 -23.95 -23.20
C PHE A 180 -17.77 -24.14 -23.07
N VAL A 181 -17.37 -24.66 -21.90
CA VAL A 181 -15.98 -24.95 -21.63
C VAL A 181 -15.78 -26.46 -21.50
N ASP A 182 -14.55 -26.90 -21.62
CA ASP A 182 -14.28 -28.34 -21.48
C ASP A 182 -14.39 -28.77 -20.02
N VAL A 183 -13.82 -27.99 -19.12
CA VAL A 183 -13.90 -28.29 -17.69
C VAL A 183 -14.34 -27.03 -16.93
N LEU A 184 -15.43 -27.14 -16.15
CA LEU A 184 -15.91 -26.04 -15.31
C LEU A 184 -15.63 -26.50 -13.86
N LEU A 185 -14.81 -25.75 -13.15
CA LEU A 185 -14.52 -26.04 -11.75
C LEU A 185 -15.33 -25.08 -10.86
N LEU A 186 -16.28 -25.62 -10.10
CA LEU A 186 -17.16 -24.77 -9.30
C LEU A 186 -16.89 -25.07 -7.83
N SER A 187 -16.08 -24.22 -7.18
CA SER A 187 -15.61 -24.50 -5.82
C SER A 187 -16.45 -23.80 -4.75
N ASN A 188 -16.31 -24.24 -3.49
CA ASN A 188 -17.06 -23.64 -2.41
C ASN A 188 -16.29 -23.69 -1.09
N GLY A 189 -15.01 -23.31 -1.13
CA GLY A 189 -14.16 -23.32 0.08
C GLY A 189 -13.94 -24.73 0.63
N PRO A 190 -14.08 -24.90 1.96
CA PRO A 190 -13.95 -26.24 2.52
C PRO A 190 -15.15 -27.17 2.20
N GLU A 191 -16.26 -26.60 1.72
CA GLU A 191 -17.50 -27.34 1.48
C GLU A 191 -17.39 -28.07 0.13
N PRO A 192 -18.24 -29.09 -0.10
CA PRO A 192 -18.18 -29.82 -1.36
C PRO A 192 -18.25 -28.88 -2.57
N GLY A 193 -17.54 -29.23 -3.63
CA GLY A 193 -17.56 -28.46 -4.87
C GLY A 193 -18.14 -29.29 -6.01
N LYS A 194 -18.22 -28.68 -7.19
CA LYS A 194 -18.66 -29.39 -8.40
C LYS A 194 -17.61 -29.21 -9.46
N ALA A 195 -17.50 -30.22 -10.33
CA ALA A 195 -16.68 -30.13 -11.51
C ALA A 195 -17.45 -30.76 -12.64
N PHE A 196 -17.33 -30.17 -13.83
CA PHE A 196 -18.07 -30.60 -15.00
C PHE A 196 -17.07 -30.91 -16.10
N LEU A 197 -17.20 -32.09 -16.68
CA LEU A 197 -16.37 -32.51 -17.79
C LEU A 197 -17.30 -32.60 -19.00
N HIS A 198 -17.16 -31.68 -19.96
CA HIS A 198 -18.10 -31.54 -21.09
C HIS A 198 -19.55 -31.54 -20.63
N GLY A 199 -19.85 -30.80 -19.58
CA GLY A 199 -21.21 -30.67 -19.07
C GLY A 199 -21.64 -31.75 -18.09
N ARG A 200 -20.81 -32.77 -17.91
CA ARG A 200 -21.16 -33.90 -17.08
C ARG A 200 -20.72 -33.65 -15.65
N GLU A 201 -21.68 -33.58 -14.74
CA GLU A 201 -21.39 -33.07 -13.41
C GLU A 201 -20.78 -34.12 -12.49
N TYR A 202 -19.75 -33.72 -11.74
CA TYR A 202 -19.21 -34.54 -10.68
C TYR A 202 -19.26 -33.70 -9.40
N THR A 203 -19.19 -34.36 -8.27
CA THR A 203 -18.94 -33.65 -7.02
C THR A 203 -17.57 -34.04 -6.49
N PHE A 204 -17.01 -33.18 -5.63
CA PHE A 204 -15.74 -33.45 -4.99
C PHE A 204 -15.74 -32.86 -3.59
N GLU A 205 -15.01 -33.52 -2.69
CA GLU A 205 -14.94 -33.16 -1.29
C GLU A 205 -13.51 -32.73 -0.96
N PRO A 206 -13.28 -31.43 -0.73
CA PRO A 206 -11.94 -31.09 -0.24
C PRO A 206 -11.60 -31.86 1.04
N VAL A 207 -10.33 -32.16 1.28
CA VAL A 207 -9.92 -32.69 2.58
C VAL A 207 -9.91 -31.53 3.59
N HIS A 208 -10.32 -31.83 4.81
CA HIS A 208 -10.47 -30.81 5.84
C HIS A 208 -9.11 -30.30 6.32
N VAL A 209 -8.96 -28.98 6.39
CA VAL A 209 -7.78 -28.34 6.96
C VAL A 209 -8.15 -27.00 7.63
N GLY A 210 -7.62 -26.75 8.81
CA GLY A 210 -7.98 -25.53 9.59
C GLY A 210 -7.18 -24.28 9.25
N VAL A 211 -7.74 -23.42 8.41
CA VAL A 211 -7.03 -22.19 8.01
C VAL A 211 -7.53 -20.94 8.72
N ASP A 212 -6.61 -19.99 8.96
CA ASP A 212 -6.97 -18.64 9.39
C ASP A 212 -7.17 -17.70 8.19
N GLU A 213 -6.66 -18.09 7.02
CA GLU A 213 -6.99 -17.42 5.77
C GLU A 213 -6.87 -18.37 4.59
N SER A 214 -7.67 -18.08 3.56
CA SER A 214 -7.79 -18.96 2.40
C SER A 214 -7.13 -18.33 1.17
N THR A 215 -6.49 -17.17 1.36
CA THR A 215 -6.03 -16.31 0.25
C THR A 215 -5.27 -17.12 -0.79
N GLY A 216 -5.72 -17.05 -2.04
CA GLY A 216 -5.04 -17.73 -3.13
C GLY A 216 -5.47 -19.15 -3.46
N ALA A 217 -6.31 -19.76 -2.63
CA ALA A 217 -6.59 -21.19 -2.80
C ALA A 217 -7.30 -21.52 -4.12
N GLY A 218 -8.22 -20.67 -4.52
CA GLY A 218 -8.95 -20.88 -5.79
C GLY A 218 -8.02 -20.73 -7.00
N ASP A 219 -7.07 -19.80 -6.91
CA ASP A 219 -6.04 -19.57 -7.94
C ASP A 219 -5.08 -20.79 -8.03
N VAL A 220 -4.65 -21.27 -6.86
CA VAL A 220 -3.78 -22.44 -6.78
C VAL A 220 -4.49 -23.66 -7.31
N PHE A 221 -5.74 -23.83 -6.96
CA PHE A 221 -6.54 -24.97 -7.37
C PHE A 221 -6.65 -24.98 -8.90
N LEU A 222 -6.94 -23.82 -9.48
CA LEU A 222 -7.05 -23.68 -10.98
C LEU A 222 -5.72 -23.98 -11.66
N GLY A 223 -4.63 -23.39 -11.16
CA GLY A 223 -3.30 -23.63 -11.70
C GLY A 223 -2.85 -25.08 -11.54
N ALA A 224 -3.01 -25.63 -10.34
CA ALA A 224 -2.69 -27.06 -10.10
C ALA A 224 -3.55 -27.97 -10.99
N PHE A 225 -4.83 -27.70 -11.09
CA PHE A 225 -5.68 -28.53 -11.95
C PHE A 225 -5.22 -28.50 -13.41
N THR A 226 -4.92 -27.31 -13.89
CA THR A 226 -4.42 -27.15 -15.28
C THR A 226 -3.17 -27.98 -15.50
N GLY A 227 -2.28 -28.00 -14.50
CA GLY A 227 -1.08 -28.79 -14.56
C GLY A 227 -1.32 -30.31 -14.58
N PHE A 228 -2.06 -30.81 -13.59
CA PHE A 228 -2.36 -32.24 -13.52
C PHE A 228 -3.22 -32.73 -14.71
N TYR A 229 -4.10 -31.88 -15.23
CA TYR A 229 -5.04 -32.31 -16.30
C TYR A 229 -4.28 -32.64 -17.59
N SER A 230 -3.13 -32.01 -17.79
CA SER A 230 -2.24 -32.32 -18.91
C SER A 230 -1.52 -33.66 -18.78
N GLN A 231 -1.52 -34.26 -17.57
CA GLN A 231 -0.78 -35.49 -17.34
C GLN A 231 -1.55 -36.60 -16.62
N CYS A 232 -2.83 -36.37 -16.35
CA CYS A 232 -3.67 -37.34 -15.63
C CYS A 232 -5.04 -37.40 -16.24
N PRO A 233 -5.74 -38.54 -16.05
CA PRO A 233 -7.18 -38.49 -16.33
C PRO A 233 -7.93 -37.49 -15.44
N PHE A 234 -9.11 -37.10 -15.92
CA PHE A 234 -9.86 -35.96 -15.34
C PHE A 234 -10.07 -36.09 -13.82
N VAL A 235 -10.59 -37.24 -13.42
CA VAL A 235 -10.88 -37.51 -11.99
C VAL A 235 -9.61 -37.40 -11.11
N GLN A 236 -8.53 -38.05 -11.53
CA GLN A 236 -7.26 -38.00 -10.80
C GLN A 236 -6.70 -36.58 -10.73
N ALA A 237 -6.78 -35.87 -11.85
CA ALA A 237 -6.36 -34.46 -11.89
C ALA A 237 -7.11 -33.61 -10.85
N LEU A 238 -8.40 -33.85 -10.74
CA LEU A 238 -9.25 -33.14 -9.80
C LEU A 238 -8.87 -33.48 -8.32
N LYS A 239 -8.64 -34.76 -8.05
CA LYS A 239 -8.15 -35.19 -6.73
C LYS A 239 -6.79 -34.55 -6.35
N ARG A 240 -5.84 -34.61 -7.30
CA ARG A 240 -4.50 -34.07 -7.08
C ARG A 240 -4.55 -32.56 -6.93
N ALA A 241 -5.41 -31.88 -7.70
CA ALA A 241 -5.60 -30.43 -7.55
C ALA A 241 -6.05 -30.10 -6.13
N ALA A 242 -7.04 -30.86 -5.66
CA ALA A 242 -7.57 -30.67 -4.31
C ALA A 242 -6.46 -30.86 -3.27
N ALA A 243 -5.69 -31.94 -3.38
CA ALA A 243 -4.66 -32.25 -2.38
C ALA A 243 -3.58 -31.18 -2.42
N PHE A 244 -3.17 -30.83 -3.64
CA PHE A 244 -2.20 -29.76 -3.89
C PHE A 244 -2.60 -28.48 -3.15
N THR A 245 -3.86 -28.10 -3.27
CA THR A 245 -4.34 -26.84 -2.71
C THR A 245 -4.45 -26.93 -1.19
N ALA A 246 -4.80 -28.11 -0.71
CA ALA A 246 -4.77 -28.42 0.72
C ALA A 246 -3.37 -28.27 1.32
N LEU A 247 -2.37 -28.80 0.61
CA LEU A 247 -1.00 -28.67 1.08
C LEU A 247 -0.52 -27.22 1.05
N PHE A 248 -0.79 -26.51 -0.06
CA PHE A 248 -0.52 -25.09 -0.21
C PHE A 248 -1.01 -24.27 0.99
N LEU A 249 -2.25 -24.52 1.39
CA LEU A 249 -2.88 -23.76 2.47
C LEU A 249 -2.08 -23.75 3.75
N LYS A 250 -1.33 -24.82 4.01
CA LYS A 250 -0.49 -24.92 5.21
C LYS A 250 1.01 -24.79 4.88
N ASN A 251 1.32 -24.64 3.60
CA ASN A 251 2.68 -24.46 3.12
C ASN A 251 2.64 -23.56 1.88
N ARG A 252 2.55 -22.25 2.11
CA ARG A 252 2.37 -21.29 1.00
C ARG A 252 3.59 -21.23 0.08
N SER A 253 4.74 -21.66 0.59
CA SER A 253 5.93 -21.79 -0.26
C SER A 253 5.75 -22.80 -1.42
N VAL A 254 4.76 -23.70 -1.29
CA VAL A 254 4.53 -24.86 -2.21
C VAL A 254 5.84 -25.55 -2.62
N ASP A 255 6.63 -25.96 -1.63
CA ASP A 255 7.90 -26.65 -1.88
C ASP A 255 7.81 -28.13 -1.48
N PHE A 256 6.58 -28.60 -1.29
CA PHE A 256 6.32 -29.98 -0.88
C PHE A 256 6.55 -30.90 -2.07
N SER A 257 6.80 -32.18 -1.80
CA SER A 257 7.02 -33.16 -2.86
C SER A 257 5.72 -33.44 -3.59
N MET A 258 5.81 -33.70 -4.89
CA MET A 258 4.62 -34.10 -5.65
C MET A 258 4.13 -35.49 -5.23
N ASP A 259 5.04 -36.30 -4.67
CA ASP A 259 4.69 -37.62 -4.14
C ASP A 259 3.72 -37.47 -2.97
N ASP A 260 3.95 -36.47 -2.14
CA ASP A 260 3.03 -36.15 -1.04
C ASP A 260 1.65 -35.74 -1.54
N VAL A 261 1.61 -35.06 -2.69
CA VAL A 261 0.34 -34.66 -3.31
C VAL A 261 -0.44 -35.91 -3.75
N ASN A 262 0.25 -36.84 -4.42
CA ASN A 262 -0.36 -38.04 -4.96
C ASN A 262 -0.95 -38.96 -3.89
N GLU A 263 -0.25 -39.11 -2.77
CA GLU A 263 -0.72 -39.99 -1.67
C GLU A 263 -1.99 -39.46 -1.02
N LEU A 264 -2.05 -38.14 -0.81
CA LEU A 264 -3.20 -37.48 -0.22
C LEU A 264 -4.37 -37.36 -1.20
N ALA A 265 -4.06 -37.21 -2.49
CA ALA A 265 -5.09 -37.19 -3.54
C ALA A 265 -6.03 -38.40 -3.49
N MET A 266 -5.49 -39.54 -3.09
CA MET A 266 -6.27 -40.77 -2.96
C MET A 266 -7.42 -40.68 -1.95
N LYS A 267 -7.21 -39.89 -0.89
CA LYS A 267 -8.22 -39.71 0.16
C LYS A 267 -9.30 -38.68 -0.22
N VAL A 268 -9.23 -38.09 -1.42
CA VAL A 268 -10.21 -37.10 -1.87
C VAL A 268 -11.38 -37.78 -2.61
N GLU A 269 -12.60 -37.50 -2.16
CA GLU A 269 -13.80 -38.13 -2.67
C GLU A 269 -14.32 -37.40 -3.91
N VAL A 270 -14.46 -38.14 -5.02
CA VAL A 270 -15.04 -37.61 -6.25
C VAL A 270 -16.13 -38.55 -6.79
N LYS A 271 -17.30 -38.00 -7.10
CA LYS A 271 -18.42 -38.83 -7.58
C LYS A 271 -19.03 -38.22 -8.82
N ARG A 272 -19.31 -39.06 -9.83
CA ARG A 272 -20.10 -38.66 -10.98
C ARG A 272 -21.57 -38.69 -10.54
N VAL A 273 -22.25 -37.56 -10.64
CA VAL A 273 -23.66 -37.47 -10.23
C VAL A 273 -24.56 -38.09 -11.29
N MET B 1 26.51 20.58 12.00
CA MET B 1 25.22 20.40 12.72
C MET B 1 24.61 19.05 12.34
N LYS B 2 24.07 18.35 13.34
CA LYS B 2 23.47 17.03 13.13
C LYS B 2 22.05 17.07 13.71
N CYS B 3 21.05 16.63 12.96
N CYS B 3 21.05 16.65 12.95
CA CYS B 3 19.68 16.58 13.46
CA CYS B 3 19.65 16.60 13.43
C CYS B 3 19.09 15.19 13.33
C CYS B 3 19.07 15.19 13.32
N LEU B 4 18.40 14.76 14.39
CA LEU B 4 17.65 13.53 14.39
C LEU B 4 16.20 13.89 14.11
N VAL B 5 15.63 13.29 13.09
CA VAL B 5 14.22 13.51 12.76
C VAL B 5 13.53 12.16 13.00
N VAL B 6 12.46 12.19 13.78
CA VAL B 6 11.81 10.97 14.23
C VAL B 6 10.35 10.88 13.84
N GLY B 7 9.99 9.75 13.26
CA GLY B 7 8.62 9.53 12.79
C GLY B 7 8.52 8.53 11.68
N HIS B 8 7.30 8.03 11.46
CA HIS B 8 7.08 7.09 10.35
C HIS B 8 7.20 7.79 9.01
N VAL B 9 7.99 7.22 8.10
CA VAL B 9 7.85 7.53 6.68
C VAL B 9 6.66 6.73 6.19
N VAL B 10 5.99 7.25 5.16
CA VAL B 10 4.67 6.80 4.81
C VAL B 10 4.58 6.43 3.34
N ARG B 11 3.83 5.39 3.07
CA ARG B 11 3.41 5.11 1.72
C ARG B 11 2.12 5.90 1.47
N ASP B 12 2.20 7.03 0.76
CA ASP B 12 1.02 7.83 0.44
C ASP B 12 0.39 7.33 -0.84
N ILE B 13 -0.91 7.10 -0.79
CA ILE B 13 -1.69 6.82 -2.00
C ILE B 13 -2.52 8.08 -2.20
N VAL B 14 -2.19 8.79 -3.28
CA VAL B 14 -2.66 10.15 -3.48
C VAL B 14 -3.65 10.15 -4.63
N LYS B 15 -4.84 10.66 -4.36
CA LYS B 15 -5.91 10.78 -5.34
C LYS B 15 -6.22 12.27 -5.47
N LYS B 16 -6.10 12.80 -6.68
CA LYS B 16 -6.26 14.25 -6.88
C LYS B 16 -6.56 14.45 -8.34
N GLY B 17 -7.68 15.12 -8.62
CA GLY B 17 -8.31 15.03 -9.92
C GLY B 17 -8.57 13.55 -10.17
N ASN B 18 -8.47 13.12 -11.42
CA ASN B 18 -8.62 11.70 -11.77
C ASN B 18 -7.29 10.90 -11.67
N LYS B 19 -6.28 11.48 -11.03
CA LYS B 19 -4.97 10.85 -10.87
C LYS B 19 -4.90 10.06 -9.57
N VAL B 20 -4.44 8.81 -9.66
CA VAL B 20 -3.99 8.07 -8.49
C VAL B 20 -2.50 7.88 -8.60
N LEU B 21 -1.77 8.19 -7.53
CA LEU B 21 -0.37 7.86 -7.53
C LEU B 21 0.08 7.41 -6.18
N GLU B 22 1.20 6.74 -6.20
CA GLU B 22 1.87 6.32 -4.99
C GLU B 22 3.12 7.13 -4.84
N ARG B 23 3.33 7.64 -3.62
CA ARG B 23 4.43 8.54 -3.34
C ARG B 23 4.95 8.42 -1.92
N LEU B 24 6.26 8.57 -1.76
CA LEU B 24 6.87 8.69 -0.45
C LEU B 24 6.31 9.90 0.28
N GLY B 25 5.95 9.71 1.53
CA GLY B 25 5.54 10.84 2.36
C GLY B 25 5.83 10.62 3.82
N GLY B 26 5.14 11.39 4.65
CA GLY B 26 5.31 11.30 6.10
C GLY B 26 5.98 12.55 6.65
N GLY B 27 5.67 12.84 7.91
CA GLY B 27 6.17 14.03 8.58
C GLY B 27 7.65 13.99 8.62
N ALA B 28 8.19 12.85 9.01
CA ALA B 28 9.61 12.72 9.19
C ALA B 28 10.32 12.86 7.85
N TYR B 29 9.72 12.32 6.77
CA TYR B 29 10.27 12.52 5.43
C TYR B 29 10.32 13.99 4.99
N TYR B 30 9.21 14.71 5.09
CA TYR B 30 9.10 16.07 4.57
C TYR B 30 9.92 17.06 5.42
N SER B 31 9.88 16.90 6.73
CA SER B 31 10.71 17.72 7.65
C SER B 31 12.20 17.42 7.41
N ALA B 32 12.57 16.16 7.24
CA ALA B 32 13.96 15.84 6.89
C ALA B 32 14.43 16.45 5.55
N LEU B 33 13.51 16.49 4.60
CA LEU B 33 13.79 17.03 3.29
C LEU B 33 14.11 18.53 3.36
N ALA B 34 13.31 19.26 4.13
CA ALA B 34 13.58 20.67 4.31
C ALA B 34 14.89 20.85 5.06
N LEU B 35 15.11 20.06 6.10
CA LEU B 35 16.31 20.20 6.95
C LEU B 35 17.61 19.84 6.22
N SER B 36 17.48 18.99 5.21
CA SER B 36 18.64 18.58 4.38
C SER B 36 19.31 19.78 3.74
N ARG B 37 18.58 20.89 3.56
CA ARG B 37 19.18 22.11 3.01
C ARG B 37 20.02 22.87 4.04
N PHE B 38 19.97 22.46 5.30
CA PHE B 38 20.67 23.17 6.38
C PHE B 38 21.73 22.36 7.11
N CYS B 39 21.60 21.04 7.16
CA CYS B 39 22.46 20.24 8.04
C CYS B 39 22.47 18.76 7.66
N ASP B 40 23.29 17.97 8.35
CA ASP B 40 23.29 16.52 8.16
C ASP B 40 22.14 15.92 8.93
N VAL B 41 21.33 15.14 8.24
CA VAL B 41 20.10 14.62 8.80
C VAL B 41 20.19 13.13 9.05
N GLU B 42 19.68 12.71 10.20
CA GLU B 42 19.40 11.29 10.46
C GLU B 42 17.91 11.09 10.72
N ILE B 43 17.32 10.12 10.04
CA ILE B 43 15.93 9.76 10.26
C ILE B 43 15.84 8.49 11.12
N LEU B 44 15.09 8.56 12.22
CA LEU B 44 14.71 7.40 13.03
C LEU B 44 13.26 7.10 12.66
N THR B 45 13.02 5.94 12.09
CA THR B 45 11.72 5.62 11.58
C THR B 45 11.40 4.14 11.74
N SER B 46 10.24 3.73 11.22
CA SER B 46 9.87 2.33 11.15
C SER B 46 9.08 2.08 9.87
N PHE B 47 9.38 0.97 9.19
CA PHE B 47 8.62 0.47 8.07
C PHE B 47 9.06 -0.97 7.81
N SER B 48 8.25 -1.71 7.08
CA SER B 48 8.61 -3.07 6.70
C SER B 48 9.03 -3.09 5.23
N ASN B 49 8.08 -2.86 4.35
CA ASN B 49 8.32 -2.87 2.93
C ASN B 49 8.35 -1.44 2.44
N LEU B 50 9.37 -1.07 1.69
CA LEU B 50 9.28 0.17 0.93
C LEU B 50 9.91 -0.07 -0.41
N PRO B 51 9.46 0.65 -1.45
CA PRO B 51 10.12 0.48 -2.74
C PRO B 51 11.61 0.83 -2.67
N GLU B 52 12.43 0.08 -3.39
CA GLU B 52 13.87 0.32 -3.45
C GLU B 52 14.21 1.74 -3.90
N GLU B 53 13.54 2.27 -4.93
CA GLU B 53 13.78 3.66 -5.32
C GLU B 53 13.53 4.67 -4.16
N TRP B 54 12.56 4.38 -3.31
CA TRP B 54 12.24 5.31 -2.23
C TRP B 54 13.24 5.18 -1.07
N ILE B 55 13.66 3.96 -0.77
CA ILE B 55 14.72 3.72 0.21
C ILE B 55 15.98 4.46 -0.28
N LYS B 56 16.32 4.32 -1.57
CA LYS B 56 17.43 5.10 -2.17
C LYS B 56 17.23 6.60 -1.90
N GLU B 57 16.05 7.12 -2.19
CA GLU B 57 15.77 8.53 -1.92
C GLU B 57 16.01 8.93 -0.46
N LEU B 58 15.47 8.15 0.48
CA LEU B 58 15.67 8.45 1.89
C LEU B 58 17.17 8.47 2.21
N GLU B 59 17.88 7.45 1.74
CA GLU B 59 19.30 7.28 2.03
C GLU B 59 20.23 8.31 1.37
N SER B 60 19.76 8.94 0.30
CA SER B 60 20.53 10.00 -0.36
C SER B 60 20.46 11.30 0.44
N MET B 61 19.43 11.39 1.26
CA MET B 61 19.11 12.59 2.01
C MET B 61 19.55 12.50 3.48
N ALA B 62 19.68 11.30 4.02
CA ALA B 62 19.88 11.11 5.46
C ALA B 62 20.39 9.72 5.83
N LYS B 63 21.05 9.64 6.97
CA LYS B 63 21.32 8.36 7.61
C LYS B 63 19.96 7.81 8.05
N LEU B 64 19.70 6.55 7.76
CA LEU B 64 18.38 5.98 7.97
C LEU B 64 18.50 4.90 9.02
N GLN B 65 17.82 5.06 10.15
CA GLN B 65 17.74 4.03 11.17
C GLN B 65 16.30 3.56 11.33
N VAL B 66 16.08 2.26 11.16
CA VAL B 66 14.73 1.72 11.02
C VAL B 66 14.41 0.77 12.18
N VAL B 67 13.39 1.14 12.95
CA VAL B 67 12.84 0.25 13.98
C VAL B 67 12.11 -0.91 13.26
N PRO B 68 12.45 -2.14 13.59
CA PRO B 68 11.84 -3.23 12.83
C PRO B 68 10.32 -3.26 12.94
N SER B 69 9.67 -3.68 11.86
CA SER B 69 8.22 -3.70 11.79
C SER B 69 7.78 -4.73 10.79
N GLU B 70 6.60 -5.32 11.03
CA GLU B 70 5.97 -6.20 10.07
C GLU B 70 5.08 -5.38 9.14
N THR B 71 4.91 -4.09 9.45
CA THR B 71 4.03 -3.21 8.69
C THR B 71 4.74 -1.91 8.25
N THR B 72 4.14 -1.26 7.25
CA THR B 72 4.52 0.06 6.76
C THR B 72 3.36 1.02 6.84
N THR B 73 3.60 2.19 7.42
CA THR B 73 2.52 3.12 7.64
C THR B 73 2.03 3.61 6.30
N THR B 74 0.73 3.55 6.07
CA THR B 74 0.17 3.80 4.75
C THR B 74 -1.06 4.70 4.89
N TYR B 75 -1.08 5.79 4.12
CA TYR B 75 -2.13 6.79 4.21
C TYR B 75 -2.75 6.96 2.82
N GLU B 76 -4.06 7.13 2.79
CA GLU B 76 -4.77 7.49 1.59
C GLU B 76 -5.17 8.97 1.76
N LEU B 77 -4.68 9.80 0.85
CA LEU B 77 -4.95 11.23 0.85
C LEU B 77 -5.72 11.59 -0.41
N THR B 78 -6.96 12.05 -0.23
CA THR B 78 -7.79 12.49 -1.35
C THR B 78 -7.88 14.00 -1.36
N TYR B 79 -7.53 14.63 -2.48
CA TYR B 79 -7.48 16.09 -2.55
C TYR B 79 -8.67 16.74 -3.24
N LEU B 80 -9.36 17.59 -2.48
CA LEU B 80 -10.51 18.39 -2.94
C LEU B 80 -10.05 19.74 -3.48
N ASP B 81 -10.37 20.02 -4.74
CA ASP B 81 -10.08 21.31 -5.38
C ASP B 81 -8.66 21.84 -5.07
N GLY B 82 -7.71 20.90 -4.95
CA GLY B 82 -6.34 21.18 -4.54
C GLY B 82 -6.15 21.93 -3.23
N ASN B 83 -7.06 21.74 -2.27
CA ASN B 83 -7.10 22.58 -1.06
C ASN B 83 -7.31 21.79 0.22
N ARG B 84 -8.55 21.36 0.45
CA ARG B 84 -8.86 20.42 1.53
C ARG B 84 -8.28 19.07 1.14
N ARG B 85 -8.14 18.20 2.13
CA ARG B 85 -7.76 16.82 1.90
C ARG B 85 -8.32 15.91 2.98
N ARG B 86 -8.75 14.73 2.58
CA ARG B 86 -9.23 13.72 3.52
C ARG B 86 -8.17 12.68 3.67
N LEU B 87 -7.93 12.24 4.91
CA LEU B 87 -6.85 11.33 5.25
C LEU B 87 -7.43 10.09 5.87
N LYS B 88 -7.01 8.92 5.36
CA LYS B 88 -7.33 7.65 5.99
C LYS B 88 -6.06 6.90 6.32
N LEU B 89 -5.92 6.48 7.56
CA LEU B 89 -4.85 5.59 7.94
C LEU B 89 -5.24 4.14 7.59
N LEU B 90 -4.42 3.49 6.77
CA LEU B 90 -4.72 2.15 6.26
C LEU B 90 -3.86 1.08 6.91
N GLU B 91 -2.71 1.45 7.44
CA GLU B 91 -1.76 0.49 8.00
C GLU B 91 -0.77 1.27 8.84
N ARG B 92 -0.20 0.64 9.86
CA ARG B 92 0.68 1.39 10.75
C ARG B 92 1.86 0.55 11.18
N ALA B 93 3.05 1.18 11.14
CA ALA B 93 4.29 0.51 11.48
C ALA B 93 4.45 0.49 12.99
N SER B 94 5.63 0.06 13.44
CA SER B 94 5.88 -0.13 14.86
C SER B 94 6.09 1.17 15.60
N PRO B 95 5.71 1.17 16.89
CA PRO B 95 5.99 2.31 17.75
C PRO B 95 7.48 2.57 17.84
N ILE B 96 7.83 3.82 18.05
CA ILE B 96 9.20 4.25 18.24
C ILE B 96 9.28 4.73 19.68
N GLU B 97 9.84 3.91 20.58
CA GLU B 97 9.75 4.19 22.03
C GLU B 97 11.07 4.51 22.73
N GLU B 98 12.16 4.51 21.98
CA GLU B 98 13.46 4.89 22.50
C GLU B 98 14.22 5.63 21.40
N LEU B 99 15.17 6.46 21.82
CA LEU B 99 16.06 7.19 20.94
C LEU B 99 17.46 6.58 21.06
N PRO B 100 18.19 6.47 19.95
CA PRO B 100 19.54 5.92 20.01
C PRO B 100 20.54 6.94 20.51
N ASP B 101 21.66 6.45 21.04
CA ASP B 101 22.73 7.35 21.46
C ASP B 101 23.37 8.03 20.26
N GLY B 102 23.82 9.27 20.46
CA GLY B 102 24.43 10.07 19.40
C GLY B 102 24.62 11.52 19.83
N GLU B 103 25.51 12.23 19.15
CA GLU B 103 25.59 13.68 19.29
C GLU B 103 24.68 14.31 18.21
N TYR B 104 23.64 15.01 18.65
CA TYR B 104 22.69 15.67 17.77
C TYR B 104 22.45 17.07 18.30
N ASP B 105 22.58 18.07 17.44
CA ASP B 105 22.36 19.46 17.86
C ASP B 105 20.86 19.79 17.95
N VAL B 106 20.07 19.09 17.12
CA VAL B 106 18.62 19.26 17.01
C VAL B 106 17.87 17.92 16.92
N LEU B 107 16.78 17.80 17.68
CA LEU B 107 15.85 16.69 17.61
C LEU B 107 14.51 17.24 17.08
N LEU B 108 13.99 16.63 16.01
CA LEU B 108 12.66 17.01 15.47
C LEU B 108 11.74 15.80 15.45
N MET B 109 10.65 15.90 16.22
CA MET B 109 9.67 14.85 16.41
C MET B 109 8.45 15.17 15.52
N ASN B 110 8.29 14.40 14.46
CA ASN B 110 7.13 14.56 13.60
C ASN B 110 6.48 13.22 13.30
N PRO B 111 5.76 12.64 14.28
CA PRO B 111 5.00 11.40 14.04
C PRO B 111 3.75 11.67 13.20
N VAL B 112 3.18 10.62 12.64
CA VAL B 112 1.91 10.73 11.91
C VAL B 112 0.76 9.93 12.48
N ALA B 113 1.02 8.93 13.33
CA ALA B 113 -0.03 8.09 13.90
C ALA B 113 0.29 7.61 15.33
N ARG B 114 0.62 8.54 16.20
CA ARG B 114 0.90 8.23 17.60
C ARG B 114 2.01 7.19 17.79
N GLU B 115 3.04 7.21 16.93
CA GLU B 115 4.17 6.26 17.07
C GLU B 115 5.26 6.77 18.01
N VAL B 116 5.18 8.05 18.38
CA VAL B 116 6.06 8.59 19.40
C VAL B 116 5.24 8.89 20.65
N PRO B 117 5.58 8.22 21.76
CA PRO B 117 4.83 8.59 22.96
C PRO B 117 5.21 9.97 23.52
N PRO B 118 4.26 10.66 24.18
CA PRO B 118 4.62 11.92 24.81
C PRO B 118 5.77 11.80 25.81
N ALA B 119 5.87 10.66 26.47
CA ALA B 119 6.90 10.44 27.52
C ALA B 119 8.29 10.46 26.94
N LEU B 120 8.37 10.23 25.63
CA LEU B 120 9.63 10.18 24.93
C LEU B 120 10.07 11.58 24.56
N VAL B 121 9.11 12.48 24.30
CA VAL B 121 9.41 13.90 24.12
C VAL B 121 9.89 14.44 25.49
N THR B 122 9.20 14.07 26.56
CA THR B 122 9.50 14.53 27.93
C THR B 122 10.87 14.09 28.40
N SER B 123 11.19 12.82 28.21
CA SER B 123 12.50 12.29 28.52
C SER B 123 13.56 12.88 27.60
N ALA B 124 13.22 13.13 26.34
CA ALA B 124 14.20 13.73 25.41
C ALA B 124 14.55 15.15 25.83
N LEU B 125 13.56 15.92 26.25
CA LEU B 125 13.83 17.29 26.69
C LEU B 125 14.88 17.38 27.81
N LYS B 126 14.98 16.33 28.62
CA LYS B 126 15.97 16.33 29.71
C LYS B 126 17.42 16.23 29.18
N LYS B 127 17.59 15.70 27.96
CA LYS B 127 18.92 15.41 27.37
C LYS B 127 19.30 16.30 26.15
N PHE B 128 18.32 16.73 25.36
CA PHE B 128 18.59 17.57 24.18
C PHE B 128 18.19 19.03 24.39
N PRO B 129 19.07 19.99 24.06
CA PRO B 129 18.75 21.43 24.28
C PRO B 129 17.72 22.00 23.32
N PHE B 130 17.59 21.36 22.18
CA PHE B 130 16.83 21.89 21.08
C PHE B 130 15.96 20.73 20.54
N VAL B 131 14.69 20.76 20.91
CA VAL B 131 13.67 19.82 20.43
C VAL B 131 12.61 20.63 19.69
N ALA B 132 12.26 20.16 18.48
CA ALA B 132 11.20 20.72 17.66
C ALA B 132 10.10 19.63 17.51
N VAL B 133 8.82 20.03 17.50
CA VAL B 133 7.71 19.08 17.45
C VAL B 133 6.60 19.56 16.51
N ASP B 134 6.07 18.63 15.71
CA ASP B 134 4.79 18.81 15.07
C ASP B 134 3.76 18.02 15.87
N ILE B 135 2.66 18.65 16.22
CA ILE B 135 1.63 18.06 17.08
C ILE B 135 0.75 17.03 16.38
N GLN B 136 0.74 17.03 15.05
CA GLN B 136 -0.26 16.28 14.30
C GLN B 136 -0.37 14.82 14.67
N GLY B 137 0.74 14.13 14.77
CA GLY B 137 0.75 12.72 15.12
C GLY B 137 0.57 12.35 16.57
N PHE B 138 0.49 13.35 17.46
CA PHE B 138 0.16 13.15 18.85
C PHE B 138 -1.35 13.21 19.10
N ILE B 139 -2.07 13.91 18.22
CA ILE B 139 -3.50 14.10 18.42
C ILE B 139 -4.41 13.25 17.55
N ARG B 140 -3.90 12.71 16.46
CA ARG B 140 -4.66 11.73 15.70
C ARG B 140 -4.86 10.43 16.46
N SER B 141 -6.09 9.93 16.47
CA SER B 141 -6.36 8.57 16.95
C SER B 141 -5.53 7.63 16.09
N SER B 142 -5.03 6.54 16.69
CA SER B 142 -4.15 5.60 15.98
C SER B 142 -4.90 4.44 15.33
N SER B 143 -6.14 4.18 15.73
CA SER B 143 -6.96 3.12 15.10
C SER B 143 -7.11 3.42 13.61
N PRO B 144 -7.09 2.38 12.79
CA PRO B 144 -7.06 2.65 11.36
C PRO B 144 -8.39 3.19 10.90
N GLY B 145 -8.37 3.98 9.83
CA GLY B 145 -9.57 4.57 9.27
C GLY B 145 -9.44 6.05 9.05
N GLU B 146 -10.56 6.69 8.71
CA GLU B 146 -10.65 8.16 8.60
C GLU B 146 -10.00 8.82 9.83
N ILE B 147 -9.23 9.86 9.60
CA ILE B 147 -8.52 10.51 10.67
C ILE B 147 -9.51 11.19 11.61
N GLN B 148 -9.27 10.97 12.90
CA GLN B 148 -10.05 11.62 13.95
C GLN B 148 -9.06 12.14 14.98
N TYR B 149 -9.45 13.20 15.66
CA TYR B 149 -8.62 13.87 16.65
C TYR B 149 -9.19 13.59 18.02
N GLN B 150 -8.30 13.48 19.01
CA GLN B 150 -8.70 13.32 20.41
C GLN B 150 -7.84 14.30 21.23
N PRO B 151 -8.44 14.95 22.25
CA PRO B 151 -7.65 15.88 23.04
C PRO B 151 -6.54 15.17 23.80
N ILE B 152 -5.38 15.80 23.94
CA ILE B 152 -4.29 15.25 24.72
C ILE B 152 -3.86 16.34 25.71
N ASP B 153 -3.17 15.96 26.78
CA ASP B 153 -2.54 16.94 27.68
C ASP B 153 -1.21 17.42 27.13
N GLY B 154 -0.86 18.68 27.35
CA GLY B 154 0.32 19.28 26.72
C GLY B 154 1.47 19.70 27.63
N SER B 155 1.42 19.33 28.91
CA SER B 155 2.54 19.66 29.78
C SER B 155 3.82 18.91 29.40
N PHE B 156 3.72 17.79 28.68
CA PHE B 156 4.93 17.10 28.17
C PHE B 156 5.78 17.98 27.23
N LEU B 157 5.15 18.99 26.62
CA LEU B 157 5.83 19.89 25.70
C LEU B 157 6.60 21.02 26.32
N LYS B 158 6.52 21.18 27.65
CA LYS B 158 7.20 22.30 28.28
C LYS B 158 8.68 22.18 28.05
N GLY B 159 9.30 23.22 27.48
CA GLY B 159 10.72 23.21 27.17
C GLY B 159 11.01 23.01 25.69
N VAL B 160 10.01 22.56 24.94
CA VAL B 160 10.15 22.42 23.47
C VAL B 160 10.53 23.76 22.87
N LYS B 161 11.50 23.74 21.94
CA LYS B 161 11.98 24.99 21.35
C LYS B 161 10.97 25.48 20.31
N ILE B 162 10.49 24.58 19.47
CA ILE B 162 9.60 24.96 18.37
C ILE B 162 8.49 23.92 18.24
N LEU B 163 7.25 24.39 18.26
CA LEU B 163 6.07 23.55 18.07
C LEU B 163 5.19 24.12 16.97
N HIS B 164 4.86 23.24 16.00
CA HIS B 164 3.95 23.58 14.97
C HIS B 164 2.62 22.80 15.12
N ALA B 165 1.52 23.53 14.91
CA ALA B 165 0.16 23.02 14.87
C ALA B 165 -0.58 23.88 13.84
N ASP B 166 -1.56 23.31 13.12
CA ASP B 166 -2.46 24.18 12.45
C ASP B 166 -3.58 24.55 13.41
N LEU B 167 -4.29 25.61 13.04
CA LEU B 167 -5.39 26.15 13.85
C LEU B 167 -6.40 25.12 14.31
N GLY B 168 -6.81 24.20 13.43
CA GLY B 168 -7.77 23.16 13.79
C GLY B 168 -7.22 22.07 14.70
N GLU B 169 -5.93 21.79 14.59
CA GLU B 169 -5.27 20.81 15.45
C GLU B 169 -5.07 21.35 16.87
N TYR B 170 -4.86 22.65 16.98
CA TYR B 170 -4.50 23.27 18.28
C TYR B 170 -5.61 23.16 19.32
N GLN B 171 -6.87 23.16 18.89
CA GLN B 171 -7.98 22.94 19.81
C GLN B 171 -7.94 21.59 20.56
N TYR B 172 -7.18 20.62 20.03
CA TYR B 172 -7.01 19.32 20.68
C TYR B 172 -5.81 19.25 21.63
N LEU B 173 -5.03 20.33 21.68
CA LEU B 173 -3.89 20.40 22.57
C LEU B 173 -4.36 21.12 23.80
N GLN B 174 -4.78 20.36 24.82
CA GLN B 174 -5.31 20.87 26.08
C GLN B 174 -4.21 20.97 27.14
N GLY B 175 -4.51 21.66 28.25
CA GLY B 175 -3.51 21.91 29.32
C GLY B 175 -2.23 22.48 28.74
N PHE B 176 -2.38 23.50 27.88
CA PHE B 176 -1.22 24.04 27.15
C PHE B 176 -1.33 25.55 27.01
N SER B 177 -0.22 26.26 27.17
CA SER B 177 -0.12 27.68 26.76
C SER B 177 1.17 27.89 25.93
N PRO B 178 1.14 28.90 25.04
CA PRO B 178 2.27 29.22 24.21
C PRO B 178 3.60 29.44 24.92
N GLU B 179 3.60 29.96 26.15
CA GLU B 179 4.87 30.15 26.87
C GLU B 179 5.51 28.84 27.31
N PHE B 180 4.84 27.69 27.14
CA PHE B 180 5.48 26.40 27.38
C PHE B 180 6.64 26.18 26.41
N VAL B 181 6.56 26.78 25.22
CA VAL B 181 7.56 26.56 24.17
C VAL B 181 8.17 27.88 23.79
N ASP B 182 9.40 27.88 23.27
CA ASP B 182 10.03 29.14 22.88
C ASP B 182 9.25 29.73 21.67
N VAL B 183 8.99 28.90 20.66
CA VAL B 183 8.24 29.33 19.50
C VAL B 183 7.07 28.39 19.25
N LEU B 184 5.88 28.97 19.12
CA LEU B 184 4.70 28.27 18.63
C LEU B 184 4.33 28.81 17.27
N LEU B 185 4.22 27.91 16.28
CA LEU B 185 3.80 28.24 14.94
C LEU B 185 2.40 27.67 14.75
N LEU B 186 1.42 28.55 14.58
CA LEU B 186 0.03 28.18 14.35
C LEU B 186 -0.38 28.60 12.96
N SER B 187 -0.33 27.65 12.03
CA SER B 187 -0.56 27.90 10.64
C SER B 187 -2.00 27.65 10.20
N ASN B 188 -2.36 28.22 9.04
CA ASN B 188 -3.69 28.02 8.46
C ASN B 188 -3.64 27.94 6.94
N GLY B 189 -2.78 27.07 6.43
CA GLY B 189 -2.65 26.93 4.98
C GLY B 189 -2.20 28.23 4.32
N PRO B 190 -2.89 28.63 3.23
CA PRO B 190 -2.54 29.88 2.55
C PRO B 190 -3.05 31.14 3.25
N GLU B 191 -3.87 30.99 4.30
CA GLU B 191 -4.43 32.14 5.04
C GLU B 191 -3.45 32.62 6.12
N PRO B 192 -3.68 33.82 6.70
CA PRO B 192 -2.79 34.32 7.74
C PRO B 192 -2.68 33.39 8.93
N GLY B 193 -1.49 33.35 9.54
CA GLY B 193 -1.26 32.51 10.67
C GLY B 193 -0.83 33.34 11.85
N LYS B 194 -0.53 32.64 12.93
CA LYS B 194 -0.07 33.28 14.14
C LYS B 194 1.20 32.57 14.56
N ALA B 195 2.07 33.29 15.26
CA ALA B 195 3.28 32.70 15.78
C ALA B 195 3.59 33.40 17.10
N PHE B 196 4.12 32.66 18.06
CA PHE B 196 4.43 33.24 19.36
C PHE B 196 5.89 33.01 19.68
N LEU B 197 6.57 34.07 20.11
CA LEU B 197 7.93 34.01 20.58
C LEU B 197 7.90 34.32 22.09
N HIS B 198 8.22 33.32 22.91
CA HIS B 198 8.08 33.42 24.38
C HIS B 198 6.77 34.10 24.79
N GLY B 199 5.70 33.65 24.17
CA GLY B 199 4.36 34.09 24.48
C GLY B 199 3.91 35.34 23.75
N ARG B 200 4.81 36.05 23.06
CA ARG B 200 4.48 37.26 22.29
C ARG B 200 3.88 36.94 20.93
N GLU B 201 2.66 37.44 20.70
CA GLU B 201 1.90 37.12 19.47
C GLU B 201 2.33 37.94 18.26
N TYR B 202 2.52 37.21 17.16
CA TYR B 202 2.79 37.76 15.87
C TYR B 202 1.77 37.19 14.87
N THR B 203 1.42 37.97 13.88
CA THR B 203 0.71 37.46 12.73
C THR B 203 1.72 37.27 11.59
N PHE B 204 1.44 36.34 10.71
CA PHE B 204 2.21 36.27 9.48
C PHE B 204 1.28 35.92 8.30
N GLU B 205 1.67 36.41 7.13
CA GLU B 205 0.81 36.35 5.95
C GLU B 205 1.57 35.57 4.87
N PRO B 206 1.20 34.31 4.61
CA PRO B 206 1.82 33.57 3.52
C PRO B 206 1.68 34.32 2.18
N VAL B 207 2.58 34.11 1.25
CA VAL B 207 2.37 34.60 -0.13
C VAL B 207 1.68 33.46 -0.85
N HIS B 208 0.50 33.72 -1.45
CA HIS B 208 -0.30 32.69 -2.15
C HIS B 208 0.45 31.97 -3.26
N VAL B 209 0.28 30.64 -3.33
CA VAL B 209 0.73 29.83 -4.49
C VAL B 209 -0.30 28.77 -4.88
N GLY B 210 -0.67 28.74 -6.16
CA GLY B 210 -1.57 27.70 -6.67
C GLY B 210 -0.91 26.34 -6.69
N VAL B 211 -1.61 25.31 -6.20
CA VAL B 211 -1.13 23.92 -6.21
C VAL B 211 -2.32 22.95 -6.30
N ASP B 212 -2.13 21.78 -6.89
CA ASP B 212 -3.18 20.75 -6.84
C ASP B 212 -3.04 19.86 -5.58
N GLU B 213 -2.03 20.13 -4.76
CA GLU B 213 -1.90 19.49 -3.46
C GLU B 213 -0.92 20.21 -2.52
N SER B 214 -1.30 20.25 -1.25
CA SER B 214 -0.56 20.94 -0.21
C SER B 214 0.44 19.99 0.46
N THR B 215 0.64 18.81 -0.11
CA THR B 215 1.16 17.68 0.66
C THR B 215 2.58 17.94 1.17
N GLY B 216 2.69 17.98 2.50
CA GLY B 216 3.99 18.14 3.16
C GLY B 216 4.30 19.57 3.60
N ALA B 217 3.41 20.52 3.24
CA ALA B 217 3.69 21.93 3.50
C ALA B 217 3.95 22.21 4.99
N GLY B 218 3.06 21.74 5.88
CA GLY B 218 3.33 21.90 7.34
C GLY B 218 4.68 21.33 7.85
N ASP B 219 5.07 20.22 7.26
CA ASP B 219 6.25 19.48 7.66
C ASP B 219 7.50 20.24 7.19
N VAL B 220 7.39 20.77 5.97
CA VAL B 220 8.47 21.52 5.34
C VAL B 220 8.63 22.85 6.05
N PHE B 221 7.50 23.44 6.43
CA PHE B 221 7.46 24.69 7.17
C PHE B 221 8.16 24.58 8.51
N LEU B 222 7.82 23.53 9.26
CA LEU B 222 8.48 23.24 10.55
C LEU B 222 9.97 22.97 10.37
N GLY B 223 10.31 22.12 9.41
CA GLY B 223 11.71 21.83 9.11
C GLY B 223 12.49 23.05 8.65
N ALA B 224 11.92 23.87 7.79
CA ALA B 224 12.61 25.07 7.32
C ALA B 224 12.80 26.09 8.46
N PHE B 225 11.77 26.26 9.27
CA PHE B 225 11.84 27.16 10.40
C PHE B 225 12.92 26.73 11.32
N THR B 226 12.96 25.43 11.63
CA THR B 226 13.95 24.85 12.50
C THR B 226 15.37 25.11 11.97
N GLY B 227 15.55 24.96 10.67
CA GLY B 227 16.81 25.24 10.02
C GLY B 227 17.25 26.69 10.05
N PHE B 228 16.33 27.62 9.77
CA PHE B 228 16.65 29.05 9.83
C PHE B 228 16.85 29.57 11.26
N TYR B 229 16.15 28.96 12.20
CA TYR B 229 16.11 29.48 13.57
C TYR B 229 17.44 29.43 14.30
N SER B 230 18.34 28.52 13.91
CA SER B 230 19.70 28.48 14.48
C SER B 230 20.48 29.74 14.11
N GLN B 231 20.30 30.23 12.88
CA GLN B 231 21.12 31.32 12.38
C GLN B 231 20.41 32.69 12.32
N CYS B 232 19.09 32.71 12.24
CA CYS B 232 18.29 33.94 12.02
C CYS B 232 17.41 34.25 13.22
N PRO B 233 17.25 35.53 13.55
CA PRO B 233 16.23 35.90 14.54
C PRO B 233 14.84 35.53 14.10
N PHE B 234 13.98 35.41 15.09
CA PHE B 234 12.62 34.92 14.94
C PHE B 234 11.85 35.44 13.70
N VAL B 235 11.75 36.76 13.54
CA VAL B 235 10.98 37.35 12.43
C VAL B 235 11.54 36.95 11.05
N GLN B 236 12.84 37.07 10.87
CA GLN B 236 13.47 36.66 9.61
C GLN B 236 13.32 35.16 9.34
N ALA B 237 13.50 34.37 10.37
CA ALA B 237 13.31 32.91 10.26
C ALA B 237 11.89 32.54 9.84
N LEU B 238 10.90 33.23 10.40
CA LEU B 238 9.51 33.01 10.07
C LEU B 238 9.26 33.38 8.61
N LYS B 239 9.73 34.55 8.19
CA LYS B 239 9.59 35.01 6.81
C LYS B 239 10.26 34.04 5.86
N ARG B 240 11.51 33.69 6.17
CA ARG B 240 12.23 32.72 5.38
C ARG B 240 11.56 31.32 5.31
N ALA B 241 11.03 30.83 6.43
CA ALA B 241 10.34 29.55 6.45
C ALA B 241 9.10 29.58 5.57
N ALA B 242 8.29 30.65 5.69
CA ALA B 242 7.13 30.81 4.79
C ALA B 242 7.52 30.82 3.30
N ALA B 243 8.55 31.59 2.97
CA ALA B 243 9.09 31.66 1.62
C ALA B 243 9.65 30.32 1.11
N PHE B 244 10.37 29.61 1.97
CA PHE B 244 10.92 28.28 1.65
C PHE B 244 9.80 27.29 1.36
N THR B 245 8.72 27.34 2.12
CA THR B 245 7.62 26.40 1.95
C THR B 245 6.86 26.67 0.65
N ALA B 246 6.65 27.94 0.36
CA ALA B 246 5.97 28.37 -0.84
C ALA B 246 6.73 27.94 -2.08
N LEU B 247 8.06 27.99 -2.01
CA LEU B 247 8.86 27.55 -3.15
C LEU B 247 8.85 26.04 -3.24
N PHE B 248 8.89 25.37 -2.10
CA PHE B 248 8.70 23.92 -2.08
C PHE B 248 7.42 23.52 -2.82
N LEU B 249 6.37 24.31 -2.60
CA LEU B 249 5.04 23.97 -3.12
C LEU B 249 4.90 24.22 -4.61
N LYS B 250 5.48 25.33 -5.05
CA LYS B 250 5.47 25.72 -6.47
C LYS B 250 6.30 24.76 -7.32
N ASN B 251 7.40 24.27 -6.76
CA ASN B 251 8.38 23.40 -7.40
C ASN B 251 8.16 21.91 -7.18
N ARG B 252 7.51 21.55 -6.05
CA ARG B 252 7.48 20.17 -5.53
C ARG B 252 8.88 19.61 -5.23
N SER B 253 9.80 20.45 -4.77
CA SER B 253 11.16 20.02 -4.44
C SER B 253 11.85 21.05 -3.52
N VAL B 254 12.99 20.67 -2.96
CA VAL B 254 13.86 21.58 -2.20
C VAL B 254 15.08 22.01 -3.02
N ASP B 255 15.02 21.77 -4.33
CA ASP B 255 16.08 22.15 -5.28
C ASP B 255 15.83 23.55 -5.84
N PHE B 256 15.97 24.56 -4.99
CA PHE B 256 15.86 25.95 -5.38
C PHE B 256 16.97 26.68 -4.61
N SER B 257 17.28 27.91 -5.00
CA SER B 257 18.42 28.58 -4.38
C SER B 257 17.97 29.22 -3.07
N MET B 258 18.88 29.26 -2.12
CA MET B 258 18.58 29.90 -0.84
C MET B 258 18.49 31.42 -1.00
N ASP B 259 19.05 31.96 -2.09
CA ASP B 259 18.91 33.38 -2.43
C ASP B 259 17.50 33.75 -2.87
N ASP B 260 16.83 32.88 -3.63
CA ASP B 260 15.46 33.16 -4.02
C ASP B 260 14.57 33.17 -2.76
N VAL B 261 14.84 32.27 -1.83
CA VAL B 261 14.09 32.22 -0.59
C VAL B 261 14.18 33.57 0.14
N ASN B 262 15.38 34.11 0.21
CA ASN B 262 15.58 35.42 0.90
C ASN B 262 14.88 36.58 0.21
N GLU B 263 14.91 36.59 -1.12
CA GLU B 263 14.20 37.60 -1.87
C GLU B 263 12.70 37.51 -1.59
N LEU B 264 12.14 36.32 -1.72
CA LEU B 264 10.71 36.13 -1.54
C LEU B 264 10.26 36.43 -0.10
N ALA B 265 11.11 36.10 0.88
CA ALA B 265 10.83 36.35 2.30
C ALA B 265 10.46 37.82 2.60
N MET B 266 11.00 38.73 1.81
CA MET B 266 10.72 40.16 1.97
C MET B 266 9.26 40.48 1.69
N LYS B 267 8.56 39.60 0.99
CA LYS B 267 7.12 39.80 0.71
C LYS B 267 6.19 39.14 1.74
N VAL B 268 6.76 38.48 2.74
CA VAL B 268 5.95 37.87 3.78
C VAL B 268 5.80 38.91 4.84
N GLU B 269 4.57 39.32 5.15
CA GLU B 269 4.32 40.30 6.22
C GLU B 269 4.40 39.53 7.54
N VAL B 270 5.02 40.16 8.53
CA VAL B 270 5.04 39.62 9.88
C VAL B 270 4.95 40.81 10.76
N LYS B 271 4.04 40.76 11.74
CA LYS B 271 3.76 41.90 12.57
C LYS B 271 3.53 41.48 14.00
N ARG B 272 4.08 42.25 14.91
CA ARG B 272 3.84 42.03 16.32
C ARG B 272 2.50 42.65 16.74
N VAL B 273 1.63 41.85 17.34
CA VAL B 273 0.26 42.32 17.71
C VAL B 273 0.31 43.29 18.88
#